data_9EFF
#
_entry.id   9EFF
#
_cell.length_a   37.742
_cell.length_b   136.051
_cell.length_c   38.380
_cell.angle_alpha   90.000
_cell.angle_beta   109.120
_cell.angle_gamma   90.000
#
_symmetry.space_group_name_H-M   'P 1 21 1'
#
loop_
_entity.id
_entity.type
_entity.pdbx_description
1 polymer 'Plasmid pARN4'
2 polymer ucm-1
3 polymer ucm-2
4 water water
#
loop_
_entity_poly.entity_id
_entity_poly.type
_entity_poly.pdbx_seq_one_letter_code
_entity_poly.pdbx_strand_id
1 'polypeptide(L)'
;MIVMRVKVNEKQFDMIIDKLKLMVYEYNTKIKEYGVYLKPYHIVYKNSKRYIYIGKYWYKLEKIGGKLKWIYLGKTKPIQ
NMPNPPQIPESTIIKEDNEYIVDEKILYDLE
;
A,B
2 'polydeoxyribonucleotide' (DA)(BRU)(DT)(DA)(BRU)(DA)(DC)(DA)(DA)(DA)(DA)(DG) D,C
3 'polydeoxyribonucleotide' (DC)(BRU)(DT)(DT)(DT)(DG)(DT)(DA)(BRU)(DA)(DA)(DT) E,F
#
# COMPACT_ATOMS: atom_id res chain seq x y z
N MET A 4 -13.17 29.37 -13.72
CA MET A 4 -13.31 28.11 -13.01
C MET A 4 -12.66 28.17 -11.63
N ARG A 5 -11.78 29.17 -11.44
CA ARG A 5 -10.95 29.21 -10.24
C ARG A 5 -11.04 30.54 -9.51
N VAL A 6 -10.94 30.42 -8.19
CA VAL A 6 -11.48 31.33 -7.18
C VAL A 6 -10.39 31.53 -6.14
N LYS A 7 -10.09 32.78 -5.82
CA LYS A 7 -9.13 33.09 -4.78
C LYS A 7 -9.87 33.67 -3.58
N VAL A 8 -9.65 33.08 -2.41
CA VAL A 8 -10.54 33.25 -1.27
C VAL A 8 -9.68 33.47 -0.04
N ASN A 9 -10.13 34.34 0.85
CA ASN A 9 -9.31 34.79 1.97
C ASN A 9 -9.23 33.71 3.04
N GLU A 10 -8.18 33.83 3.88
CA GLU A 10 -7.67 32.70 4.63
C GLU A 10 -8.62 32.29 5.75
N LYS A 11 -9.10 33.27 6.53
CA LYS A 11 -9.88 32.95 7.72
C LYS A 11 -11.21 32.31 7.36
N GLN A 12 -11.83 32.80 6.28
CA GLN A 12 -13.08 32.25 5.76
C GLN A 12 -12.94 30.84 5.20
N PHE A 13 -11.96 30.60 4.33
CA PHE A 13 -11.88 29.26 3.75
C PHE A 13 -11.35 28.24 4.74
N ASP A 14 -10.60 28.70 5.76
CA ASP A 14 -10.25 27.82 6.87
C ASP A 14 -11.48 27.26 7.56
N MET A 15 -12.57 28.04 7.63
CA MET A 15 -13.83 27.52 8.17
C MET A 15 -14.34 26.34 7.37
N ILE A 16 -14.27 26.44 6.03
CA ILE A 16 -14.64 25.32 5.18
C ILE A 16 -13.66 24.17 5.34
N ILE A 17 -12.36 24.46 5.41
CA ILE A 17 -11.34 23.41 5.52
C ILE A 17 -11.49 22.65 6.84
N ASP A 18 -11.66 23.39 7.95
CA ASP A 18 -11.79 22.74 9.25
C ASP A 18 -13.05 21.89 9.34
N LYS A 19 -14.14 22.30 8.64
CA LYS A 19 -15.33 21.47 8.59
C LYS A 19 -15.04 20.13 7.92
N LEU A 20 -14.32 20.20 6.78
CA LEU A 20 -14.00 18.99 6.03
C LEU A 20 -13.04 18.09 6.80
N LYS A 21 -12.02 18.68 7.41
CA LYS A 21 -11.09 17.91 8.23
C LYS A 21 -11.79 17.27 9.41
N LEU A 22 -12.79 17.96 9.98
CA LEU A 22 -13.55 17.41 11.09
C LEU A 22 -14.25 16.12 10.70
N MET A 23 -14.80 16.06 9.49
CA MET A 23 -15.43 14.84 9.01
C MET A 23 -14.43 13.68 8.95
N VAL A 24 -13.18 13.97 8.62
CA VAL A 24 -12.18 12.92 8.54
C VAL A 24 -11.70 12.52 9.94
N TYR A 25 -11.59 13.47 10.87
CA TYR A 25 -11.27 13.12 12.26
C TYR A 25 -12.32 12.16 12.82
N GLU A 26 -13.60 12.46 12.58
CA GLU A 26 -14.68 11.63 13.12
C GLU A 26 -14.74 10.28 12.41
N TYR A 27 -14.44 10.25 11.12
CA TYR A 27 -14.34 8.97 10.41
C TYR A 27 -13.21 8.12 10.96
N ASN A 28 -12.05 8.74 11.23
CA ASN A 28 -10.89 7.98 11.71
C ASN A 28 -11.15 7.34 13.07
N THR A 29 -11.91 8.02 13.94
CA THR A 29 -12.32 7.35 15.19
C THR A 29 -13.25 6.18 14.93
N LYS A 30 -14.07 6.26 13.87
CA LYS A 30 -15.00 5.18 13.58
C LYS A 30 -14.27 3.93 13.10
N ILE A 31 -13.13 4.11 12.44
CA ILE A 31 -12.42 2.98 11.84
C ILE A 31 -11.12 2.69 12.57
N LYS A 32 -10.99 3.20 13.81
CA LYS A 32 -9.70 3.22 14.51
C LYS A 32 -9.16 1.82 14.73
N GLU A 33 -10.04 0.83 14.82
CA GLU A 33 -9.65 -0.56 14.99
C GLU A 33 -9.35 -1.28 13.68
N TYR A 34 -9.51 -0.60 12.54
CA TYR A 34 -9.08 -1.19 11.26
C TYR A 34 -7.61 -0.98 10.98
N GLY A 35 -6.92 -0.15 11.77
CA GLY A 35 -5.47 -0.07 11.70
C GLY A 35 -4.94 0.81 10.59
N VAL A 36 -5.81 1.45 9.83
CA VAL A 36 -5.39 2.22 8.67
C VAL A 36 -5.87 3.65 8.84
N TYR A 37 -5.17 4.57 8.17
CA TYR A 37 -5.27 5.99 8.47
C TYR A 37 -5.64 6.73 7.20
N LEU A 38 -6.77 7.42 7.23
CA LEU A 38 -7.14 8.35 6.16
C LEU A 38 -6.63 9.73 6.55
N LYS A 39 -5.67 10.25 5.81
CA LYS A 39 -4.99 11.47 6.23
C LYS A 39 -5.94 12.66 6.06
N PRO A 40 -6.27 13.38 7.14
CA PRO A 40 -7.25 14.47 7.03
C PRO A 40 -6.80 15.58 6.10
N TYR A 41 -5.50 15.81 6.01
CA TYR A 41 -5.01 17.08 5.51
C TYR A 41 -3.60 16.82 5.01
N HIS A 42 -3.41 16.76 3.69
CA HIS A 42 -2.12 16.49 3.09
C HIS A 42 -1.67 17.73 2.34
N ILE A 43 -0.42 18.14 2.55
CA ILE A 43 0.17 19.32 1.90
C ILE A 43 1.33 18.87 1.02
N VAL A 44 1.37 19.41 -0.20
CA VAL A 44 2.51 19.25 -1.10
C VAL A 44 2.99 20.64 -1.48
N TYR A 45 4.31 20.84 -1.48
CA TYR A 45 4.93 22.15 -1.60
C TYR A 45 5.63 22.24 -2.95
N LYS A 46 5.32 23.30 -3.69
CA LYS A 46 6.01 23.62 -4.95
C LYS A 46 5.84 25.10 -5.20
N ASN A 47 6.96 25.81 -5.41
CA ASN A 47 6.98 27.10 -6.11
C ASN A 47 6.22 28.17 -5.32
N SER A 48 6.43 28.17 -4.00
CA SER A 48 5.73 28.97 -2.99
C SER A 48 4.24 28.65 -2.89
N LYS A 49 3.77 27.58 -3.54
CA LYS A 49 2.40 27.13 -3.39
C LYS A 49 2.34 25.92 -2.48
N ARG A 50 1.25 25.80 -1.73
CA ARG A 50 0.91 24.59 -1.02
C ARG A 50 -0.33 23.98 -1.67
N TYR A 51 -0.20 22.75 -2.14
CA TYR A 51 -1.33 21.99 -2.66
C TYR A 51 -1.91 21.14 -1.55
N ILE A 52 -3.24 21.17 -1.41
CA ILE A 52 -3.92 20.67 -0.23
C ILE A 52 -4.94 19.62 -0.66
N TYR A 53 -4.94 18.49 0.05
CA TYR A 53 -5.77 17.33 -0.28
C TYR A 53 -6.39 16.84 1.02
N ILE A 54 -7.70 17.03 1.15
CA ILE A 54 -8.41 16.75 2.39
C ILE A 54 -9.03 15.36 2.27
N GLY A 55 -8.71 14.48 3.21
CA GLY A 55 -9.37 13.18 3.29
C GLY A 55 -9.19 12.34 2.03
N LYS A 56 -8.00 12.38 1.46
CA LYS A 56 -7.78 11.84 0.12
C LYS A 56 -6.89 10.61 0.12
N TYR A 57 -5.87 10.57 0.96
CA TYR A 57 -4.81 9.59 0.83
C TYR A 57 -4.80 8.71 2.07
N TRP A 58 -4.75 7.40 1.86
CA TRP A 58 -4.71 6.41 2.91
C TRP A 58 -3.26 6.02 3.18
N TYR A 59 -2.94 5.85 4.46
CA TYR A 59 -1.66 5.34 4.90
C TYR A 59 -1.88 4.22 5.91
N LYS A 60 -0.95 3.28 5.95
CA LYS A 60 -0.74 2.46 7.13
C LYS A 60 0.39 3.09 7.96
N LEU A 61 0.10 3.39 9.22
CA LEU A 61 1.12 3.87 10.14
C LEU A 61 1.71 2.71 10.91
N GLU A 62 3.03 2.60 10.90
CA GLU A 62 3.76 1.75 11.84
C GLU A 62 4.73 2.61 12.64
N LYS A 63 4.93 2.22 13.90
CA LYS A 63 5.98 2.79 14.74
C LYS A 63 7.05 1.73 14.90
N ILE A 64 8.23 1.97 14.34
CA ILE A 64 9.38 1.10 14.56
C ILE A 64 10.53 1.95 15.13
N GLY A 65 11.12 1.48 16.21
CA GLY A 65 12.30 2.10 16.80
C GLY A 65 12.07 3.50 17.33
N GLY A 66 10.88 3.77 17.87
CA GLY A 66 10.46 5.11 18.21
C GLY A 66 9.82 5.88 17.07
N LYS A 67 10.23 5.63 15.83
CA LYS A 67 9.95 6.54 14.73
C LYS A 67 8.70 6.09 13.97
N LEU A 68 7.83 7.07 13.69
CA LEU A 68 6.63 6.81 12.91
C LEU A 68 6.99 6.57 11.45
N LYS A 69 6.32 5.60 10.82
CA LYS A 69 6.53 5.29 9.43
C LYS A 69 5.21 5.37 8.69
N TRP A 70 5.23 5.96 7.49
CA TRP A 70 4.05 6.19 6.69
C TRP A 70 4.11 5.27 5.47
N ILE A 71 3.19 4.32 5.38
CA ILE A 71 3.12 3.42 4.24
C ILE A 71 1.92 3.85 3.42
N TYR A 72 2.18 4.43 2.25
CA TYR A 72 1.11 4.88 1.38
C TYR A 72 0.29 3.70 0.89
N LEU A 73 -1.04 3.79 1.05
CA LEU A 73 -1.93 2.75 0.55
C LEU A 73 -2.69 3.16 -0.70
N GLY A 74 -3.13 4.39 -0.81
CA GLY A 74 -3.75 4.85 -2.02
C GLY A 74 -4.94 5.71 -1.71
N LYS A 75 -5.81 5.85 -2.70
CA LYS A 75 -6.95 6.74 -2.63
C LYS A 75 -8.25 6.01 -2.32
N THR A 76 -8.26 4.70 -2.46
CA THR A 76 -9.46 3.90 -2.23
C THR A 76 -9.32 3.25 -0.86
N LYS A 77 -10.46 2.99 -0.22
CA LYS A 77 -10.43 2.44 1.12
C LYS A 77 -9.83 1.04 1.07
N PRO A 78 -8.93 0.70 2.01
CA PRO A 78 -8.03 -0.42 1.79
C PRO A 78 -8.58 -1.77 2.21
N ILE A 79 -9.67 -1.79 2.98
CA ILE A 79 -10.32 -3.02 3.40
C ILE A 79 -11.76 -2.95 2.94
N GLN A 80 -12.22 -3.98 2.24
CA GLN A 80 -13.61 -3.99 1.84
C GLN A 80 -14.48 -4.24 3.06
N ASN A 81 -15.69 -3.68 3.03
CA ASN A 81 -16.73 -3.70 4.06
C ASN A 81 -16.43 -2.81 5.26
N MET A 82 -15.30 -2.11 5.30
CA MET A 82 -15.11 -1.13 6.37
C MET A 82 -16.04 0.05 6.09
N PRO A 83 -16.32 0.89 7.10
CA PRO A 83 -17.12 2.10 6.85
C PRO A 83 -16.48 2.99 5.79
N ASN A 84 -17.33 3.58 4.99
CA ASN A 84 -16.87 4.35 3.85
C ASN A 84 -16.45 5.75 4.29
N PRO A 85 -15.38 6.29 3.72
CA PRO A 85 -14.89 7.61 4.13
C PRO A 85 -15.86 8.69 3.71
N PRO A 86 -15.80 9.88 4.31
CA PRO A 86 -16.79 10.91 3.98
C PRO A 86 -16.58 11.46 2.59
N GLN A 87 -17.68 11.92 1.98
CA GLN A 87 -17.62 12.62 0.71
C GLN A 87 -16.97 13.98 0.92
N ILE A 88 -15.72 14.12 0.47
CA ILE A 88 -15.06 15.41 0.43
C ILE A 88 -15.07 15.89 -1.02
N PRO A 89 -15.28 17.18 -1.28
CA PRO A 89 -15.02 17.71 -2.62
C PRO A 89 -13.59 17.45 -3.06
N GLU A 90 -13.45 17.07 -4.34
CA GLU A 90 -12.17 16.63 -4.87
C GLU A 90 -11.31 17.81 -5.28
N SER A 91 -11.88 19.01 -5.29
CA SER A 91 -11.44 20.11 -6.12
C SER A 91 -10.09 20.67 -5.64
N THR A 92 -9.41 21.37 -6.56
CA THR A 92 -8.08 21.90 -6.29
C THR A 92 -8.12 22.93 -5.17
N ILE A 93 -7.21 22.80 -4.21
CA ILE A 93 -7.00 23.79 -3.16
C ILE A 93 -5.52 24.14 -3.15
N ILE A 94 -5.20 25.41 -3.36
CA ILE A 94 -3.83 25.90 -3.37
C ILE A 94 -3.73 27.07 -2.40
N LYS A 95 -2.83 26.96 -1.42
CA LYS A 95 -2.51 28.08 -0.56
C LYS A 95 -1.33 28.85 -1.13
N GLU A 96 -1.54 30.12 -1.42
CA GLU A 96 -0.47 31.08 -1.68
C GLU A 96 -0.79 32.38 -0.95
N ASP A 97 0.19 32.89 -0.17
CA ASP A 97 0.22 34.28 0.27
C ASP A 97 -1.00 34.63 1.14
N ASN A 98 -1.18 33.83 2.19
CA ASN A 98 -2.36 33.75 3.07
C ASN A 98 -3.69 33.85 2.31
N GLU A 99 -3.78 33.27 1.11
CA GLU A 99 -5.04 33.11 0.40
C GLU A 99 -5.11 31.70 -0.17
N TYR A 100 -6.32 31.25 -0.48
CA TYR A 100 -6.54 29.95 -1.10
C TYR A 100 -7.07 30.14 -2.51
N ILE A 101 -6.44 29.46 -3.47
CA ILE A 101 -7.05 29.27 -4.79
C ILE A 101 -7.88 27.99 -4.80
N VAL A 102 -9.17 28.12 -5.12
CA VAL A 102 -10.15 27.04 -5.00
C VAL A 102 -11.00 27.01 -6.26
N ASP A 103 -11.75 25.91 -6.44
CA ASP A 103 -12.61 25.76 -7.60
C ASP A 103 -14.05 26.22 -7.35
N GLU A 104 -14.69 25.62 -6.33
CA GLU A 104 -16.04 25.83 -5.72
C GLU A 104 -16.74 24.48 -5.64
N MET B 4 15.39 -17.41 -23.29
CA MET B 4 14.81 -18.65 -23.80
C MET B 4 13.82 -19.31 -22.84
N ARG B 5 12.88 -20.06 -23.40
CA ARG B 5 11.82 -20.69 -22.63
C ARG B 5 12.06 -22.19 -22.55
N VAL B 6 11.98 -22.72 -21.33
CA VAL B 6 12.39 -24.07 -20.99
C VAL B 6 11.31 -24.65 -20.09
N LYS B 7 10.92 -25.90 -20.34
CA LYS B 7 10.01 -26.61 -19.45
C LYS B 7 10.77 -27.63 -18.62
N VAL B 8 10.60 -27.56 -17.30
CA VAL B 8 11.39 -28.33 -16.34
C VAL B 8 10.45 -29.23 -15.55
N ASN B 9 10.92 -30.44 -15.26
CA ASN B 9 10.20 -31.38 -14.41
C ASN B 9 9.87 -30.77 -13.05
N GLU B 10 8.66 -31.04 -12.58
CA GLU B 10 8.12 -30.36 -11.41
C GLU B 10 8.90 -30.71 -10.14
N LYS B 11 9.31 -31.98 -9.99
CA LYS B 11 10.12 -32.37 -8.84
C LYS B 11 11.49 -31.68 -8.89
N GLN B 12 12.08 -31.57 -10.09
CA GLN B 12 13.34 -30.87 -10.25
C GLN B 12 13.21 -29.40 -9.83
N PHE B 13 12.23 -28.71 -10.39
CA PHE B 13 12.16 -27.28 -10.17
C PHE B 13 11.54 -26.93 -8.82
N ASP B 14 10.81 -27.85 -8.18
CA ASP B 14 10.32 -27.59 -6.83
C ASP B 14 11.46 -27.50 -5.81
N MET B 15 12.59 -28.17 -6.06
CA MET B 15 13.76 -27.93 -5.23
C MET B 15 14.25 -26.49 -5.36
N ILE B 16 14.19 -25.93 -6.57
CA ILE B 16 14.65 -24.56 -6.77
C ILE B 16 13.68 -23.59 -6.12
N ILE B 17 12.38 -23.80 -6.31
CA ILE B 17 11.36 -22.90 -5.75
C ILE B 17 11.41 -22.93 -4.23
N ASP B 18 11.54 -24.13 -3.64
CA ASP B 18 11.56 -24.25 -2.18
C ASP B 18 12.77 -23.55 -1.58
N LYS B 19 13.90 -23.56 -2.29
CA LYS B 19 15.05 -22.79 -1.82
C LYS B 19 14.77 -21.29 -1.86
N LEU B 20 14.12 -20.80 -2.93
CA LEU B 20 13.75 -19.40 -2.99
C LEU B 20 12.71 -19.03 -1.93
N LYS B 21 11.72 -19.90 -1.71
CA LYS B 21 10.71 -19.61 -0.69
C LYS B 21 11.31 -19.59 0.70
N LEU B 22 12.29 -20.46 0.95
CA LEU B 22 12.88 -20.54 2.28
C LEU B 22 13.66 -19.27 2.61
N MET B 23 14.27 -18.66 1.58
CA MET B 23 14.92 -17.36 1.76
C MET B 23 13.90 -16.29 2.15
N VAL B 24 12.68 -16.35 1.61
CA VAL B 24 11.65 -15.40 2.03
C VAL B 24 11.19 -15.70 3.45
N TYR B 25 11.04 -16.99 3.82
CA TYR B 25 10.62 -17.34 5.17
C TYR B 25 11.60 -16.80 6.21
N GLU B 26 12.90 -17.03 6.00
CA GLU B 26 13.92 -16.48 6.88
C GLU B 26 13.89 -14.95 6.89
N TYR B 27 13.63 -14.34 5.74
CA TYR B 27 13.57 -12.88 5.69
C TYR B 27 12.37 -12.35 6.45
N ASN B 28 11.22 -13.04 6.38
CA ASN B 28 10.05 -12.61 7.12
C ASN B 28 10.24 -12.73 8.63
N THR B 29 11.02 -13.71 9.10
CA THR B 29 11.37 -13.74 10.52
C THR B 29 12.26 -12.58 10.92
N LYS B 30 13.13 -12.12 10.01
CA LYS B 30 14.03 -11.06 10.42
C LYS B 30 13.30 -9.73 10.55
N ILE B 31 12.18 -9.58 9.85
CA ILE B 31 11.47 -8.31 9.81
C ILE B 31 10.08 -8.41 10.45
N LYS B 32 9.89 -9.31 11.44
CA LYS B 32 8.55 -9.50 12.03
C LYS B 32 8.01 -8.22 12.66
N GLU B 33 8.86 -7.48 13.36
CA GLU B 33 8.37 -6.31 14.09
C GLU B 33 8.07 -5.13 13.18
N TYR B 34 8.43 -5.22 11.90
CA TYR B 34 7.99 -4.20 10.94
C TYR B 34 6.52 -4.37 10.57
N GLY B 35 5.92 -5.52 10.87
CA GLY B 35 4.49 -5.68 10.75
C GLY B 35 4.00 -5.90 9.35
N VAL B 36 4.91 -6.08 8.39
CA VAL B 36 4.55 -6.23 6.99
C VAL B 36 5.04 -7.60 6.52
N TYR B 37 4.50 -8.03 5.39
CA TYR B 37 4.61 -9.41 4.94
C TYR B 37 5.05 -9.42 3.49
N LEU B 38 6.25 -9.94 3.23
CA LEU B 38 6.67 -10.26 1.88
C LEU B 38 6.16 -11.66 1.56
N LYS B 39 5.24 -11.76 0.61
CA LYS B 39 4.58 -13.02 0.35
C LYS B 39 5.56 -13.97 -0.32
N PRO B 40 5.83 -15.14 0.26
CA PRO B 40 6.85 -16.04 -0.33
C PRO B 40 6.50 -16.50 -1.73
N TYR B 41 5.22 -16.65 -2.02
CA TYR B 41 4.80 -17.51 -3.12
C TYR B 41 3.40 -17.06 -3.50
N HIS B 42 3.27 -16.40 -4.64
CA HIS B 42 2.01 -15.84 -5.11
C HIS B 42 1.59 -16.55 -6.39
N ILE B 43 0.38 -17.09 -6.41
CA ILE B 43 -0.14 -17.78 -7.60
C ILE B 43 -1.26 -16.93 -8.18
N VAL B 44 -1.24 -16.76 -9.50
CA VAL B 44 -2.32 -16.14 -10.25
C VAL B 44 -2.71 -17.11 -11.36
N TYR B 45 -4.02 -17.22 -11.61
CA TYR B 45 -4.56 -18.30 -12.43
C TYR B 45 -5.13 -17.72 -13.72
N LYS B 46 -4.86 -18.39 -14.83
CA LYS B 46 -5.54 -18.10 -16.09
C LYS B 46 -5.44 -19.34 -16.97
N ASN B 47 -6.59 -19.88 -17.39
CA ASN B 47 -6.69 -20.77 -18.56
C ASN B 47 -5.84 -22.04 -18.39
N SER B 48 -5.93 -22.65 -17.20
CA SER B 48 -5.17 -23.81 -16.75
C SER B 48 -3.68 -23.54 -16.61
N LYS B 49 -3.24 -22.29 -16.68
CA LYS B 49 -1.89 -21.90 -16.33
C LYS B 49 -1.87 -21.32 -14.92
N ARG B 50 -0.78 -21.55 -14.21
CA ARG B 50 -0.54 -20.94 -12.90
C ARG B 50 0.73 -20.09 -12.98
N TYR B 51 0.55 -18.77 -12.95
CA TYR B 51 1.68 -17.85 -12.89
C TYR B 51 2.14 -17.67 -11.44
N ILE B 52 3.45 -17.74 -11.23
CA ILE B 52 4.04 -17.90 -9.91
C ILE B 52 5.03 -16.76 -9.68
N TYR B 53 4.93 -16.12 -8.51
CA TYR B 53 5.76 -14.96 -8.19
C TYR B 53 6.30 -15.15 -6.78
N ILE B 54 7.61 -15.31 -6.66
CA ILE B 54 8.26 -15.68 -5.41
C ILE B 54 8.87 -14.42 -4.81
N GLY B 55 8.47 -14.10 -3.59
CA GLY B 55 9.08 -13.00 -2.85
C GLY B 55 8.99 -11.66 -3.58
N LYS B 56 7.85 -11.40 -4.20
CA LYS B 56 7.70 -10.23 -5.07
C LYS B 56 6.76 -9.18 -4.50
N TYR B 57 5.70 -9.60 -3.81
CA TYR B 57 4.58 -8.71 -3.49
C TYR B 57 4.50 -8.56 -1.97
N TRP B 58 4.48 -7.31 -1.52
CA TRP B 58 4.30 -6.99 -0.12
C TRP B 58 2.83 -6.79 0.20
N TYR B 59 2.43 -7.29 1.36
CA TYR B 59 1.12 -7.03 1.92
C TYR B 59 1.25 -6.61 3.37
N LYS B 60 0.27 -5.84 3.84
CA LYS B 60 -0.01 -5.71 5.26
C LYS B 60 -1.15 -6.65 5.61
N LEU B 61 -0.91 -7.54 6.55
CA LEU B 61 -1.95 -8.43 7.06
C LEU B 61 -2.64 -7.78 8.25
N GLU B 62 -3.97 -7.71 8.19
CA GLU B 62 -4.78 -7.21 9.29
C GLU B 62 -5.80 -8.28 9.67
N LYS B 63 -6.08 -8.39 10.97
CA LYS B 63 -7.18 -9.20 11.47
C LYS B 63 -8.35 -8.27 11.80
N ILE B 64 -9.43 -8.39 11.04
CA ILE B 64 -10.63 -7.60 11.24
C ILE B 64 -11.80 -8.54 11.47
N GLY B 65 -12.41 -8.46 12.64
CA GLY B 65 -13.58 -9.27 12.95
C GLY B 65 -13.33 -10.76 12.92
N GLY B 66 -12.11 -11.19 13.24
CA GLY B 66 -11.74 -12.58 13.10
C GLY B 66 -11.38 -13.02 11.70
N LYS B 67 -11.23 -12.10 10.75
CA LYS B 67 -10.92 -12.44 9.38
C LYS B 67 -9.61 -11.79 8.95
N LEU B 68 -8.80 -12.56 8.23
CA LEU B 68 -7.54 -12.06 7.71
C LEU B 68 -7.80 -11.16 6.50
N LYS B 69 -7.20 -9.97 6.51
CA LYS B 69 -7.32 -9.04 5.41
C LYS B 69 -5.94 -8.80 4.80
N TRP B 70 -5.90 -8.78 3.46
CA TRP B 70 -4.66 -8.63 2.70
C TRP B 70 -4.66 -7.25 2.07
N ILE B 71 -3.82 -6.36 2.58
CA ILE B 71 -3.71 -4.99 2.08
C ILE B 71 -2.45 -4.94 1.22
N TYR B 72 -2.62 -4.81 -0.09
CA TYR B 72 -1.48 -4.80 -1.00
C TYR B 72 -0.63 -3.56 -0.75
N LEU B 73 0.68 -3.77 -0.63
CA LEU B 73 1.61 -2.67 -0.47
C LEU B 73 2.42 -2.37 -1.73
N GLY B 74 2.88 -3.38 -2.43
CA GLY B 74 3.61 -3.15 -3.65
C GLY B 74 4.78 -4.10 -3.78
N LYS B 75 5.66 -3.78 -4.72
CA LYS B 75 6.88 -4.55 -4.98
C LYS B 75 8.10 -4.00 -4.27
N THR B 76 8.05 -2.79 -3.77
CA THR B 76 9.19 -2.21 -3.07
C THR B 76 9.06 -2.46 -1.58
N LYS B 77 10.19 -2.47 -0.88
CA LYS B 77 10.12 -2.62 0.58
C LYS B 77 9.44 -1.39 1.19
N PRO B 78 8.43 -1.58 2.04
CA PRO B 78 7.50 -0.47 2.33
C PRO B 78 8.02 0.51 3.37
N ILE B 79 8.99 0.10 4.19
CA ILE B 79 9.64 0.98 5.14
C ILE B 79 11.09 1.15 4.70
N GLN B 80 11.57 2.39 4.75
CA GLN B 80 12.84 2.70 4.09
C GLN B 80 14.02 2.10 4.82
N ASN B 81 13.89 1.88 6.13
CA ASN B 81 15.00 1.50 6.98
C ASN B 81 15.15 0.00 7.17
N MET B 82 14.18 -0.81 6.73
CA MET B 82 14.18 -2.23 7.09
C MET B 82 15.32 -2.96 6.36
N PRO B 83 15.69 -4.15 6.85
CA PRO B 83 16.61 -5.00 6.07
C PRO B 83 16.08 -5.29 4.67
N ASN B 84 17.01 -5.33 3.72
CA ASN B 84 16.62 -5.44 2.32
C ASN B 84 16.21 -6.88 2.01
N PRO B 85 15.18 -7.07 1.20
CA PRO B 85 14.67 -8.43 0.93
C PRO B 85 15.65 -9.22 0.10
N PRO B 86 15.60 -10.55 0.16
CA PRO B 86 16.60 -11.36 -0.55
C PRO B 86 16.44 -11.26 -2.06
N GLN B 87 17.53 -11.57 -2.75
CA GLN B 87 17.56 -11.51 -4.21
C GLN B 87 16.90 -12.79 -4.73
N ILE B 88 15.66 -12.68 -5.19
CA ILE B 88 15.03 -13.74 -5.98
C ILE B 88 15.02 -13.30 -7.44
N PRO B 89 15.30 -14.21 -8.37
CA PRO B 89 15.09 -13.92 -9.79
C PRO B 89 13.66 -13.50 -10.09
N GLU B 90 13.52 -12.58 -11.04
CA GLU B 90 12.23 -12.05 -11.46
C GLU B 90 11.69 -12.72 -12.71
N SER B 91 12.32 -13.82 -13.13
CA SER B 91 11.96 -14.45 -14.39
C SER B 91 10.62 -15.15 -14.28
N THR B 92 10.00 -15.37 -15.44
CA THR B 92 8.66 -15.94 -15.50
C THR B 92 8.67 -17.40 -15.03
N ILE B 93 7.71 -17.75 -14.18
CA ILE B 93 7.49 -19.12 -13.76
C ILE B 93 6.02 -19.45 -14.00
N ILE B 94 5.75 -20.40 -14.87
CA ILE B 94 4.38 -20.81 -15.20
C ILE B 94 4.28 -22.30 -14.92
N LYS B 95 3.35 -22.67 -14.04
CA LYS B 95 3.03 -24.09 -13.85
C LYS B 95 1.87 -24.47 -14.75
N GLU B 96 2.03 -25.56 -15.49
CA GLU B 96 0.93 -26.17 -16.23
C GLU B 96 1.12 -27.69 -16.17
N ASP B 97 0.20 -28.36 -15.48
CA ASP B 97 0.05 -29.82 -15.52
C ASP B 97 1.32 -30.50 -15.02
N ASN B 98 1.81 -30.03 -13.86
CA ASN B 98 2.98 -30.58 -13.16
C ASN B 98 4.24 -30.55 -14.03
N GLU B 99 4.39 -29.49 -14.83
CA GLU B 99 5.68 -28.97 -15.25
C GLU B 99 5.71 -27.45 -15.11
N TYR B 100 6.91 -26.88 -15.16
CA TYR B 100 7.14 -25.44 -15.04
C TYR B 100 7.77 -24.89 -16.31
N ILE B 101 7.16 -23.85 -16.88
CA ILE B 101 7.84 -22.98 -17.84
C ILE B 101 8.74 -22.01 -17.08
N VAL B 102 10.04 -22.01 -17.42
CA VAL B 102 11.06 -21.24 -16.70
C VAL B 102 11.98 -20.59 -17.74
N ASP B 103 12.54 -19.43 -17.39
CA ASP B 103 13.55 -18.76 -18.22
C ASP B 103 14.96 -19.08 -17.71
N GLU B 104 15.36 -20.34 -17.88
CA GLU B 104 16.77 -20.77 -18.02
C GLU B 104 17.61 -20.38 -16.80
N LYS B 105 17.14 -20.76 -15.62
CA LYS B 105 17.81 -20.43 -14.37
C LYS B 105 17.27 -21.34 -13.26
#